data_5C89
#
_entry.id   5C89
#
_cell.length_a   60.755
_cell.length_b   60.755
_cell.length_c   63.494
_cell.angle_alpha   90.00
_cell.angle_beta   90.00
_cell.angle_gamma   120.00
#
_symmetry.space_group_name_H-M   'P 32 2 1'
#
loop_
_entity.id
_entity.type
_entity.pdbx_description
1 polymer Peregrin
2 non-polymer 1-ethyl-8-methoxy-5-methyl[1,2,4]triazolo[4,3-a]quinoline
3 water water
#
_entity_poly.entity_id   1
_entity_poly.type   'polypeptide(L)'
_entity_poly.pdbx_seq_one_letter_code
;SMEMQLTPFLILLRKTLEQLQEKDTGNIFSEPVPLSEVPDYLDHIKKPMDFFTMKQNLEAYRYLNFDDFEEDFNLIVSNC
LKYNAKDTIFYRAAVRLREQGGAVLRQARRQAEKMG
;
_entity_poly.pdbx_strand_id   A
#
loop_
_chem_comp.id
_chem_comp.type
_chem_comp.name
_chem_comp.formula
4YT non-polymer 1-ethyl-8-methoxy-5-methyl[1,2,4]triazolo[4,3-a]quinoline 'C14 H15 N3 O'
#
# COMPACT_ATOMS: atom_id res chain seq x y z
N GLU A 3 20.04 -5.44 -10.02
CA GLU A 3 21.34 -6.09 -9.92
C GLU A 3 21.63 -6.54 -8.49
N MET A 4 20.63 -7.16 -7.86
CA MET A 4 20.76 -7.65 -6.49
C MET A 4 20.26 -9.09 -6.32
N GLN A 5 20.26 -9.54 -5.06
CA GLN A 5 19.77 -10.88 -4.72
C GLN A 5 18.31 -10.84 -4.31
N LEU A 6 17.55 -11.86 -4.72
CA LEU A 6 16.12 -11.92 -4.48
C LEU A 6 15.74 -12.01 -3.00
N THR A 7 16.32 -12.96 -2.28
CA THR A 7 15.91 -13.25 -0.91
C THR A 7 16.01 -12.04 0.05
N PRO A 8 17.14 -11.31 0.05
CA PRO A 8 17.15 -10.18 0.99
C PRO A 8 16.17 -9.07 0.60
N PHE A 9 15.95 -8.92 -0.69
CA PHE A 9 15.04 -7.89 -1.15
C PHE A 9 13.62 -8.20 -0.68
N LEU A 10 13.22 -9.47 -0.77
CA LEU A 10 11.85 -9.82 -0.39
C LEU A 10 11.70 -9.72 1.12
N ILE A 11 12.77 -10.04 1.83
CA ILE A 11 12.78 -9.86 3.29
C ILE A 11 12.56 -8.38 3.63
N LEU A 12 13.20 -7.50 2.86
CA LEU A 12 13.03 -6.06 3.07
C LEU A 12 11.60 -5.61 2.74
N LEU A 13 11.03 -6.10 1.63
CA LEU A 13 9.67 -5.72 1.30
C LEU A 13 8.67 -6.23 2.35
N ARG A 14 8.89 -7.42 2.89
CA ARG A 14 8.01 -7.96 3.93
C ARG A 14 7.99 -7.05 5.14
N LYS A 15 9.18 -6.65 5.58
CA LYS A 15 9.31 -5.75 6.74
C LYS A 15 8.64 -4.41 6.48
N THR A 16 8.89 -3.89 5.29
CA THR A 16 8.34 -2.60 4.89
C THR A 16 6.81 -2.65 4.88
N LEU A 17 6.27 -3.75 4.35
CA LEU A 17 4.83 -3.91 4.27
C LEU A 17 4.23 -3.95 5.67
N GLU A 18 4.89 -4.64 6.59
CA GLU A 18 4.39 -4.69 7.95
C GLU A 18 4.46 -3.30 8.60
N GLN A 19 5.50 -2.54 8.28
CA GLN A 19 5.63 -1.19 8.84
C GLN A 19 4.56 -0.25 8.33
N LEU A 20 4.20 -0.40 7.06
CA LEU A 20 3.15 0.39 6.45
C LEU A 20 1.82 0.02 7.07
N GLN A 21 1.59 -1.27 7.23
CA GLN A 21 0.35 -1.73 7.80
C GLN A 21 0.19 -1.22 9.24
N GLU A 22 1.29 -1.09 9.97
CA GLU A 22 1.24 -0.55 11.32
C GLU A 22 0.68 0.86 11.38
N LYS A 23 0.85 1.63 10.31
CA LYS A 23 0.36 3.01 10.26
C LYS A 23 -1.17 3.06 10.07
N ASP A 24 -1.73 1.98 9.55
CA ASP A 24 -3.17 1.86 9.33
C ASP A 24 -3.80 1.29 10.59
N THR A 25 -3.94 2.14 11.61
CA THR A 25 -4.32 1.62 12.91
C THR A 25 -5.77 1.12 12.98
N GLY A 26 -6.64 1.69 12.15
CA GLY A 26 -8.01 1.25 12.06
C GLY A 26 -8.19 0.01 11.19
N ASN A 27 -7.11 -0.45 10.57
CA ASN A 27 -7.16 -1.60 9.68
C ASN A 27 -8.17 -1.40 8.53
N ILE A 28 -8.31 -0.17 8.05
CA ILE A 28 -9.33 0.05 7.05
C ILE A 28 -8.80 -0.32 5.66
N PHE A 29 -7.48 -0.50 5.55
CA PHE A 29 -6.87 -0.85 4.25
C PHE A 29 -6.34 -2.30 4.23
N SER A 30 -6.69 -3.09 5.23
CA SER A 30 -6.15 -4.44 5.38
CA SER A 30 -6.16 -4.45 5.39
C SER A 30 -6.65 -5.43 4.33
N GLU A 31 -7.88 -5.22 3.86
CA GLU A 31 -8.52 -6.15 2.93
C GLU A 31 -9.24 -5.40 1.80
N PRO A 32 -9.56 -6.09 0.69
CA PRO A 32 -10.24 -5.39 -0.41
C PRO A 32 -11.48 -4.65 0.07
N VAL A 33 -11.73 -3.46 -0.46
CA VAL A 33 -13.00 -2.76 -0.21
C VAL A 33 -14.15 -3.70 -0.53
N PRO A 34 -15.05 -3.95 0.44
CA PRO A 34 -16.14 -4.92 0.25
C PRO A 34 -17.11 -4.49 -0.84
N LEU A 35 -16.98 -5.07 -2.04
CA LEU A 35 -17.81 -4.68 -3.17
C LEU A 35 -19.29 -4.96 -2.91
N SER A 36 -19.58 -5.87 -1.98
CA SER A 36 -20.95 -6.15 -1.61
C SER A 36 -21.54 -4.99 -0.82
N GLU A 37 -20.69 -4.28 -0.09
CA GLU A 37 -21.14 -3.16 0.74
C GLU A 37 -21.07 -1.86 -0.06
N VAL A 38 -20.17 -1.82 -1.03
CA VAL A 38 -19.95 -0.63 -1.83
C VAL A 38 -20.18 -0.92 -3.31
N PRO A 39 -21.46 -1.11 -3.70
CA PRO A 39 -21.84 -1.58 -5.05
C PRO A 39 -21.38 -0.68 -6.20
N ASP A 40 -21.06 0.57 -5.93
CA ASP A 40 -20.67 1.51 -6.99
C ASP A 40 -19.16 1.74 -7.05
N TYR A 41 -18.40 0.98 -6.27
CA TYR A 41 -16.98 1.24 -6.11
C TYR A 41 -16.19 1.13 -7.42
N LEU A 42 -16.40 0.03 -8.15
CA LEU A 42 -15.65 -0.21 -9.38
C LEU A 42 -16.00 0.76 -10.51
N ASP A 43 -17.03 1.59 -10.31
CA ASP A 43 -17.48 2.52 -11.34
C ASP A 43 -16.40 3.52 -11.73
N HIS A 44 -15.60 3.97 -10.77
CA HIS A 44 -14.55 4.93 -11.06
C HIS A 44 -13.20 4.54 -10.48
N ILE A 45 -13.16 3.40 -9.82
CA ILE A 45 -11.89 2.83 -9.35
C ILE A 45 -11.48 1.67 -10.24
N LYS A 46 -10.51 1.91 -11.11
CA LYS A 46 -10.16 0.91 -12.13
C LYS A 46 -9.28 -0.21 -11.58
N LYS A 47 -8.49 0.09 -10.55
CA LYS A 47 -7.66 -0.94 -9.93
C LYS A 47 -7.69 -0.86 -8.41
N PRO A 48 -8.61 -1.62 -7.78
CA PRO A 48 -8.63 -1.68 -6.31
C PRO A 48 -7.33 -2.24 -5.75
N MET A 49 -6.94 -1.80 -4.57
CA MET A 49 -5.75 -2.34 -3.91
C MET A 49 -5.91 -2.29 -2.40
N ASP A 50 -5.17 -3.15 -1.72
CA ASP A 50 -5.25 -3.29 -0.26
C ASP A 50 -4.03 -4.06 0.23
N PHE A 51 -3.79 -4.07 1.54
CA PHE A 51 -2.58 -4.68 2.05
C PHE A 51 -2.54 -6.20 1.94
N PHE A 52 -3.70 -6.86 2.00
CA PHE A 52 -3.72 -8.31 1.83
C PHE A 52 -3.30 -8.67 0.42
N THR A 53 -3.89 -7.98 -0.55
CA THR A 53 -3.54 -8.19 -1.95
C THR A 53 -2.05 -7.91 -2.18
N MET A 54 -1.52 -6.86 -1.56
CA MET A 54 -0.09 -6.59 -1.68
C MET A 54 0.75 -7.74 -1.15
N LYS A 55 0.33 -8.31 -0.01
CA LYS A 55 1.04 -9.44 0.56
C LYS A 55 1.05 -10.62 -0.41
N GLN A 56 -0.10 -10.87 -1.03
N GLN A 56 -0.11 -10.87 -1.02
CA GLN A 56 -0.19 -11.97 -1.99
CA GLN A 56 -0.22 -11.95 -2.01
C GLN A 56 0.73 -11.73 -3.19
C GLN A 56 0.73 -11.72 -3.18
N ASN A 57 0.75 -10.48 -3.67
CA ASN A 57 1.60 -10.12 -4.79
C ASN A 57 3.07 -10.28 -4.46
N LEU A 58 3.44 -9.85 -3.25
CA LEU A 58 4.81 -9.96 -2.79
C LEU A 58 5.27 -11.40 -2.85
N GLU A 59 4.47 -12.30 -2.28
CA GLU A 59 4.86 -13.71 -2.19
C GLU A 59 4.73 -14.44 -3.53
N ALA A 60 4.02 -13.83 -4.46
CA ALA A 60 3.89 -14.38 -5.80
C ALA A 60 5.01 -13.88 -6.71
N TYR A 61 6.01 -13.25 -6.09
CA TYR A 61 7.16 -12.69 -6.80
C TYR A 61 6.72 -11.67 -7.84
N ARG A 62 5.70 -10.88 -7.50
CA ARG A 62 5.20 -9.86 -8.41
C ARG A 62 5.83 -8.50 -8.17
N TYR A 63 6.59 -8.37 -7.08
CA TYR A 63 7.32 -7.14 -6.78
C TYR A 63 8.82 -7.39 -6.83
N LEU A 64 9.45 -7.08 -7.95
CA LEU A 64 10.87 -7.37 -8.11
C LEU A 64 11.71 -6.10 -8.08
N ASN A 65 11.06 -4.96 -7.94
CA ASN A 65 11.78 -3.72 -7.70
C ASN A 65 10.95 -2.87 -6.76
N PHE A 66 11.55 -1.83 -6.21
CA PHE A 66 10.87 -1.06 -5.21
C PHE A 66 9.69 -0.28 -5.78
N ASP A 67 9.80 0.18 -7.02
CA ASP A 67 8.73 0.99 -7.60
C ASP A 67 7.42 0.23 -7.74
N ASP A 68 7.49 -1.05 -8.06
CA ASP A 68 6.26 -1.76 -8.28
C ASP A 68 5.52 -1.99 -6.97
N PHE A 69 6.29 -2.15 -5.89
CA PHE A 69 5.75 -2.21 -4.54
C PHE A 69 5.12 -0.89 -4.15
N GLU A 70 5.88 0.20 -4.33
CA GLU A 70 5.40 1.53 -3.94
C GLU A 70 4.18 1.98 -4.77
N GLU A 71 4.13 1.58 -6.03
CA GLU A 71 2.99 1.88 -6.88
C GLU A 71 1.69 1.31 -6.31
N ASP A 72 1.72 0.08 -5.83
CA ASP A 72 0.50 -0.51 -5.31
C ASP A 72 0.13 0.14 -3.97
N PHE A 73 1.13 0.51 -3.16
CA PHE A 73 0.83 1.25 -1.95
C PHE A 73 0.15 2.57 -2.28
N ASN A 74 0.68 3.28 -3.27
CA ASN A 74 0.10 4.56 -3.64
C ASN A 74 -1.33 4.42 -4.15
N LEU A 75 -1.64 3.26 -4.74
CA LEU A 75 -3.00 2.97 -5.22
C LEU A 75 -3.98 2.87 -4.04
N ILE A 76 -3.54 2.23 -2.96
CA ILE A 76 -4.36 2.12 -1.76
C ILE A 76 -4.81 3.52 -1.33
N VAL A 77 -3.86 4.43 -1.30
CA VAL A 77 -4.12 5.80 -0.90
C VAL A 77 -4.98 6.55 -1.93
N SER A 78 -4.56 6.53 -3.19
CA SER A 78 -5.20 7.35 -4.21
CA SER A 78 -5.20 7.34 -4.22
C SER A 78 -6.64 6.91 -4.49
N ASN A 79 -6.88 5.59 -4.47
CA ASN A 79 -8.25 5.10 -4.65
C ASN A 79 -9.17 5.65 -3.56
N CYS A 80 -8.65 5.67 -2.33
CA CYS A 80 -9.43 6.13 -1.20
C CYS A 80 -9.73 7.63 -1.27
N LEU A 81 -8.71 8.41 -1.63
CA LEU A 81 -8.93 9.84 -1.83
C LEU A 81 -9.95 10.10 -2.94
N LYS A 82 -9.87 9.29 -4.00
CA LYS A 82 -10.78 9.47 -5.14
C LYS A 82 -12.23 9.14 -4.76
N TYR A 83 -12.43 8.01 -4.09
CA TYR A 83 -13.79 7.56 -3.85
C TYR A 83 -14.53 8.35 -2.78
N ASN A 84 -13.81 8.78 -1.74
CA ASN A 84 -14.44 9.36 -0.56
C ASN A 84 -14.36 10.88 -0.49
N ALA A 85 -15.38 11.50 0.08
CA ALA A 85 -15.42 12.95 0.23
C ALA A 85 -14.37 13.41 1.23
N LYS A 86 -13.92 14.66 1.10
CA LYS A 86 -12.83 15.13 1.94
C LYS A 86 -13.17 15.17 3.43
N ASP A 87 -14.46 15.33 3.75
CA ASP A 87 -14.87 15.44 5.14
C ASP A 87 -15.18 14.09 5.76
N THR A 88 -14.62 13.02 5.22
CA THR A 88 -14.84 11.70 5.79
C THR A 88 -13.62 11.19 6.54
N ILE A 89 -13.85 10.27 7.45
CA ILE A 89 -12.74 9.59 8.13
C ILE A 89 -11.87 8.84 7.12
N PHE A 90 -12.49 8.18 6.13
CA PHE A 90 -11.73 7.41 5.14
C PHE A 90 -10.74 8.30 4.40
N TYR A 91 -11.20 9.45 3.92
CA TYR A 91 -10.33 10.35 3.18
C TYR A 91 -9.13 10.79 4.03
N ARG A 92 -9.41 11.19 5.27
N ARG A 92 -9.40 11.21 5.27
CA ARG A 92 -8.36 11.71 6.14
CA ARG A 92 -8.31 11.71 6.11
C ARG A 92 -7.38 10.61 6.55
C ARG A 92 -7.36 10.59 6.53
N ALA A 93 -7.89 9.39 6.69
CA ALA A 93 -7.06 8.23 6.99
C ALA A 93 -6.09 7.95 5.85
N ALA A 94 -6.54 8.18 4.62
CA ALA A 94 -5.66 7.97 3.45
C ALA A 94 -4.60 9.05 3.39
N VAL A 95 -4.96 10.30 3.70
CA VAL A 95 -3.96 11.36 3.75
C VAL A 95 -2.89 11.02 4.81
N ARG A 96 -3.34 10.54 5.97
CA ARG A 96 -2.43 10.21 7.05
C ARG A 96 -1.50 9.06 6.66
N LEU A 97 -2.07 8.06 5.99
CA LEU A 97 -1.27 6.91 5.55
C LEU A 97 -0.22 7.35 4.55
N ARG A 98 -0.60 8.24 3.64
CA ARG A 98 0.34 8.78 2.66
C ARG A 98 1.49 9.47 3.38
N GLU A 99 1.14 10.29 4.37
CA GLU A 99 2.12 11.08 5.11
C GLU A 99 3.06 10.18 5.88
N GLN A 100 2.49 9.30 6.69
CA GLN A 100 3.30 8.46 7.57
C GLN A 100 4.03 7.36 6.78
N GLY A 101 3.40 6.89 5.70
CA GLY A 101 4.01 5.91 4.82
C GLY A 101 5.23 6.46 4.12
N GLY A 102 5.25 7.78 3.92
CA GLY A 102 6.34 8.46 3.23
C GLY A 102 7.73 8.19 3.78
N ALA A 103 7.92 8.44 5.07
CA ALA A 103 9.23 8.19 5.67
C ALA A 103 9.54 6.69 5.68
N VAL A 104 8.52 5.86 5.82
CA VAL A 104 8.75 4.41 5.85
C VAL A 104 9.30 3.95 4.52
N LEU A 105 8.70 4.44 3.44
CA LEU A 105 9.15 4.08 2.10
C LEU A 105 10.55 4.62 1.79
N ARG A 106 10.81 5.87 2.15
N ARG A 106 10.78 5.88 2.16
CA ARG A 106 12.11 6.47 1.88
CA ARG A 106 12.06 6.54 1.96
C ARG A 106 13.24 5.68 2.54
C ARG A 106 13.21 5.73 2.55
N GLN A 107 13.05 5.32 3.81
CA GLN A 107 14.05 4.55 4.52
C GLN A 107 14.25 3.18 3.92
N ALA A 108 13.14 2.54 3.54
CA ALA A 108 13.23 1.21 2.99
C ALA A 108 13.94 1.22 1.62
N ARG A 109 13.72 2.27 0.84
CA ARG A 109 14.35 2.35 -0.46
C ARG A 109 15.85 2.60 -0.35
N ARG A 110 16.24 3.35 0.68
N ARG A 110 16.26 3.31 0.69
CA ARG A 110 17.65 3.58 0.97
CA ARG A 110 17.69 3.58 0.88
C ARG A 110 18.35 2.25 1.14
C ARG A 110 18.44 2.33 1.34
N GLN A 111 17.71 1.35 1.88
CA GLN A 111 18.30 0.06 2.19
C GLN A 111 18.36 -0.81 0.94
N ALA A 112 17.33 -0.71 0.11
CA ALA A 112 17.27 -1.46 -1.14
C ALA A 112 18.40 -1.03 -2.08
N GLU A 113 18.72 0.25 -2.09
CA GLU A 113 19.76 0.79 -2.96
C GLU A 113 21.18 0.43 -2.49
N LYS A 114 21.30 -0.05 -1.27
CA LYS A 114 22.58 -0.56 -0.78
C LYS A 114 22.80 -1.97 -1.32
N MET A 115 21.71 -2.64 -1.69
CA MET A 115 21.77 -4.01 -2.17
C MET A 115 22.28 -4.08 -3.60
CAA 4YT B . -10.24 1.87 2.13
CAH 4YT B . -11.62 1.32 2.44
CAN 4YT B . -12.67 2.21 1.74
NAI 4YT B . -12.33 3.15 0.85
NAJ 4YT B . -13.33 3.69 0.47
CAO 4YT B . -14.40 3.15 1.05
CAF 4YT B . -15.71 3.42 0.92
NAR 4YT B . -14.00 2.18 1.88
CAQ 4YT B . -14.85 1.43 2.62
CAG 4YT B . -14.45 0.42 3.49
CAL 4YT B . -15.37 -0.31 4.24
OAK 4YT B . -14.94 -1.31 5.09
CAB 4YT B . -13.51 -1.48 5.04
CAD 4YT B . -16.72 -0.04 4.13
CAE 4YT B . -17.15 0.95 3.26
CAP 4YT B . -16.22 1.69 2.52
CAM 4YT B . -16.65 2.69 1.65
CAC 4YT B . -18.02 2.98 1.52
#